data_4TZD
#
_entry.id   4TZD
#
_cell.length_a   192.230
_cell.length_b   192.230
_cell.length_c   192.230
_cell.angle_alpha   90.00
_cell.angle_beta   90.00
_cell.angle_gamma   90.00
#
_symmetry.space_group_name_H-M   'F 2 3'
#
loop_
_entity.id
_entity.type
_entity.pdbx_description
1 polymer Concanavalin-A
2 polymer "DNA (5'-D(P*CP*G)-3')"
3 polymer "DNA (5'-D(P*TP*C)-3')"
4 water water
#
loop_
_entity_poly.entity_id
_entity_poly.type
_entity_poly.pdbx_seq_one_letter_code
_entity_poly.pdbx_strand_id
1 'polypeptide(L)'
;ADTIVAVELDTYPNTDIGDPSYPHIGIDIKSVRSKKTAKWNMQNGKVGTAHIIYNSVGKRLSAVVSYPNGDSATVSYDVD
LDNVLPEWVRVGLSASTGLYKETNTILSWSFTSKLKSNSTHETNALHFVFNQFSKDQKDLILQGDATTGTDGNLELTRVS
SNGSPQGSSVGRALFYAPVHIWESSAVVASFDATFTFLIKSSDSHPADGIAFFISNIDSSIPSGSTGRLLGLFPDAN
;
A,D
2 'polydeoxyribonucleotide' (DC)(DG) G
3 'polydeoxyribonucleotide' (DG)(DC)(DT)(DC) H
#
# COMPACT_ATOMS: atom_id res chain seq x y z
N ALA A 1 -16.87 -23.87 9.02
CA ALA A 1 -16.10 -23.25 10.13
C ALA A 1 -15.52 -21.89 9.71
N ASP A 2 -14.23 -21.67 9.98
CA ASP A 2 -13.56 -20.38 9.77
C ASP A 2 -13.55 -19.90 8.32
N THR A 3 -13.69 -18.58 8.16
CA THR A 3 -13.34 -17.89 6.93
C THR A 3 -11.87 -17.53 7.10
N ILE A 4 -11.03 -17.94 6.13
CA ILE A 4 -9.59 -17.70 6.23
C ILE A 4 -8.99 -17.11 4.95
N VAL A 5 -8.19 -16.05 5.11
CA VAL A 5 -7.31 -15.55 4.05
C VAL A 5 -5.90 -15.56 4.58
N ALA A 6 -4.97 -16.09 3.80
CA ALA A 6 -3.60 -16.26 4.26
C ALA A 6 -2.54 -15.97 3.20
N VAL A 7 -1.28 -15.93 3.66
CA VAL A 7 -0.11 -15.90 2.80
C VAL A 7 0.80 -17.03 3.32
N GLU A 8 0.87 -18.14 2.60
CA GLU A 8 1.64 -19.30 3.06
C GLU A 8 3.11 -19.18 2.69
N LEU A 9 3.99 -19.33 3.68
CA LEU A 9 5.39 -19.60 3.39
C LEU A 9 5.54 -21.12 3.48
N ASP A 10 5.11 -21.77 2.39
CA ASP A 10 4.91 -23.23 2.28
C ASP A 10 6.24 -23.92 1.99
N THR A 11 6.85 -24.52 3.01
CA THR A 11 8.21 -25.04 2.88
C THR A 11 8.25 -26.49 2.46
N TYR A 12 7.10 -27.16 2.52
CA TYR A 12 7.05 -28.55 2.08
C TYR A 12 6.09 -28.74 0.92
N PRO A 13 6.64 -29.24 -0.21
CA PRO A 13 5.88 -29.51 -1.43
C PRO A 13 4.91 -30.71 -1.31
N ASN A 14 3.82 -30.50 -0.56
CA ASN A 14 2.74 -31.47 -0.43
C ASN A 14 1.96 -31.56 -1.75
N THR A 15 2.48 -32.32 -2.71
CA THR A 15 1.93 -32.31 -4.06
C THR A 15 0.58 -33.01 -4.22
N ASP A 16 0.24 -33.98 -3.35
CA ASP A 16 -1.04 -34.66 -3.54
C ASP A 16 -2.27 -33.77 -3.21
N ILE A 17 -1.99 -32.55 -2.68
CA ILE A 17 -3.04 -31.56 -2.34
C ILE A 17 -3.05 -30.27 -3.18
N GLY A 18 -2.13 -30.16 -4.15
CA GLY A 18 -2.11 -29.00 -5.05
C GLY A 18 -0.80 -28.23 -5.14
N ASP A 19 -0.06 -28.18 -4.02
CA ASP A 19 1.21 -27.44 -3.88
C ASP A 19 2.15 -27.72 -5.07
N PRO A 20 2.87 -26.67 -5.54
CA PRO A 20 3.97 -26.90 -6.48
C PRO A 20 5.06 -27.83 -5.92
N SER A 21 5.87 -28.40 -6.82
CA SER A 21 6.86 -29.42 -6.49
C SER A 21 8.17 -28.81 -6.01
N TYR A 22 8.06 -27.71 -5.26
CA TYR A 22 9.20 -26.98 -4.67
C TYR A 22 8.61 -26.14 -3.54
N PRO A 23 9.46 -25.47 -2.72
CA PRO A 23 8.93 -24.57 -1.67
C PRO A 23 8.48 -23.21 -2.27
N HIS A 24 7.27 -22.76 -1.88
CA HIS A 24 6.56 -21.64 -2.55
C HIS A 24 6.06 -20.60 -1.59
N ILE A 25 5.81 -19.42 -2.14
CA ILE A 25 4.93 -18.45 -1.50
C ILE A 25 3.58 -18.65 -2.12
N GLY A 26 2.52 -18.44 -1.34
CA GLY A 26 1.17 -18.52 -1.89
C GLY A 26 0.18 -17.57 -1.27
N ILE A 27 -0.89 -17.27 -2.01
CA ILE A 27 -2.00 -16.51 -1.46
C ILE A 27 -3.22 -17.43 -1.31
N ASP A 28 -3.62 -17.66 -0.06
CA ASP A 28 -4.62 -18.67 0.25
C ASP A 28 -5.93 -18.05 0.68
N ILE A 29 -6.92 -18.13 -0.22
CA ILE A 29 -8.27 -17.73 0.11
C ILE A 29 -9.11 -18.97 0.25
N LYS A 30 -9.68 -19.09 1.45
CA LYS A 30 -10.60 -20.14 1.82
C LYS A 30 -10.14 -21.56 1.57
N SER A 31 -8.88 -21.72 1.11
CA SER A 31 -8.30 -23.05 0.88
C SER A 31 -6.78 -23.08 0.67
N VAL A 32 -6.13 -24.13 1.21
CA VAL A 32 -4.65 -24.23 1.23
C VAL A 32 -3.99 -24.40 -0.13
N ARG A 33 -4.75 -24.93 -1.09
CA ARG A 33 -4.31 -24.95 -2.48
C ARG A 33 -4.43 -23.52 -2.94
N SER A 34 -3.29 -22.84 -2.94
CA SER A 34 -3.26 -21.39 -3.09
C SER A 34 -3.88 -20.92 -4.42
N LYS A 35 -4.33 -19.68 -4.49
CA LYS A 35 -4.93 -19.22 -5.73
C LYS A 35 -3.88 -18.63 -6.65
N LYS A 36 -2.64 -18.65 -6.19
CA LYS A 36 -1.47 -18.13 -6.89
C LYS A 36 -0.33 -18.85 -6.17
N THR A 37 0.88 -18.76 -6.73
CA THR A 37 2.04 -19.45 -6.16
C THR A 37 3.21 -18.76 -6.81
N ALA A 38 4.38 -18.92 -6.24
CA ALA A 38 5.63 -18.52 -6.89
C ALA A 38 6.79 -19.13 -6.13
N LYS A 39 7.84 -19.48 -6.87
CA LYS A 39 8.93 -20.30 -6.37
C LYS A 39 9.79 -19.61 -5.32
N TRP A 40 10.01 -20.30 -4.20
CA TRP A 40 10.71 -19.68 -3.10
C TRP A 40 11.89 -20.52 -2.64
N ASN A 41 13.05 -20.25 -3.23
CA ASN A 41 14.31 -20.78 -2.71
C ASN A 41 14.25 -20.56 -1.18
N MET A 42 14.19 -21.71 -0.50
CA MET A 42 13.85 -21.65 0.92
C MET A 42 15.15 -21.97 1.63
N GLN A 43 15.81 -20.91 2.11
CA GLN A 43 17.03 -21.02 2.92
C GLN A 43 16.80 -21.67 4.29
N ASN A 44 17.92 -22.04 4.95
CA ASN A 44 17.82 -22.79 6.18
C ASN A 44 18.68 -22.16 7.25
N GLY A 45 18.13 -22.05 8.47
CA GLY A 45 18.85 -21.41 9.57
C GLY A 45 19.16 -19.93 9.33
N LYS A 46 18.59 -19.38 8.27
CA LYS A 46 18.73 -17.97 7.99
C LYS A 46 17.42 -17.25 8.31
N VAL A 47 17.56 -16.02 8.76
CA VAL A 47 16.44 -15.16 9.11
C VAL A 47 16.00 -14.37 7.86
N GLY A 48 14.70 -14.43 7.59
CA GLY A 48 14.10 -13.71 6.47
C GLY A 48 12.95 -12.80 6.88
N THR A 49 12.50 -11.99 5.93
CA THR A 49 11.41 -11.07 6.17
C THR A 49 10.28 -11.33 5.17
N ALA A 50 9.03 -11.28 5.66
CA ALA A 50 7.89 -11.23 4.75
C ALA A 50 7.14 -9.90 4.90
N HIS A 51 6.82 -9.29 3.76
CA HIS A 51 5.94 -8.12 3.70
C HIS A 51 4.70 -8.48 2.96
N ILE A 52 3.56 -8.26 3.59
CA ILE A 52 2.25 -8.53 3.00
C ILE A 52 1.52 -7.21 2.86
N ILE A 53 0.74 -7.08 1.80
CA ILE A 53 0.24 -5.78 1.41
C ILE A 53 -1.08 -5.92 0.72
N TYR A 54 -1.91 -4.92 0.92
CA TYR A 54 -3.18 -4.85 0.26
C TYR A 54 -3.80 -3.52 0.49
N ASN A 55 -4.55 -3.08 -0.51
CA ASN A 55 -5.35 -1.86 -0.48
C ASN A 55 -6.67 -2.04 -1.19
N SER A 56 -7.75 -1.49 -0.63
CA SER A 56 -9.06 -1.61 -1.24
C SER A 56 -9.23 -0.75 -2.51
N VAL A 57 -8.13 -0.28 -3.07
CA VAL A 57 -8.21 0.53 -4.27
C VAL A 57 -7.79 -0.29 -5.47
N GLY A 58 -6.51 -0.65 -5.50
CA GLY A 58 -5.97 -1.48 -6.55
C GLY A 58 -6.41 -2.92 -6.45
N LYS A 59 -6.96 -3.29 -5.30
CA LYS A 59 -7.44 -4.65 -4.99
C LYS A 59 -6.42 -5.73 -5.35
N ARG A 60 -5.20 -5.57 -4.86
CA ARG A 60 -4.22 -6.57 -5.15
C ARG A 60 -3.42 -6.98 -3.94
N LEU A 61 -3.84 -8.11 -3.34
CA LEU A 61 -3.10 -8.74 -2.26
C LEU A 61 -1.73 -9.15 -2.81
N SER A 62 -0.69 -8.58 -2.20
CA SER A 62 0.68 -8.80 -2.63
C SER A 62 1.53 -9.23 -1.45
N ALA A 63 2.57 -10.01 -1.74
CA ALA A 63 3.53 -10.42 -0.72
C ALA A 63 4.97 -10.55 -1.27
N VAL A 64 5.95 -10.37 -0.37
CA VAL A 64 7.35 -10.62 -0.68
C VAL A 64 7.99 -11.40 0.46
N VAL A 65 8.73 -12.45 0.13
CA VAL A 65 9.59 -13.12 1.11
C VAL A 65 11.01 -13.00 0.62
N SER A 66 11.86 -12.41 1.47
CA SER A 66 13.25 -12.15 1.14
C SER A 66 14.20 -12.62 2.25
N TYR A 67 15.45 -12.86 1.87
CA TYR A 67 16.55 -13.13 2.80
C TYR A 67 17.70 -12.13 2.60
N PRO A 68 18.44 -11.83 3.69
CA PRO A 68 19.54 -10.84 3.71
C PRO A 68 20.44 -10.72 2.45
N ASN A 69 20.80 -11.83 1.80
CA ASN A 69 21.67 -11.79 0.61
C ASN A 69 21.06 -11.09 -0.58
N GLY A 70 19.73 -11.08 -0.65
CA GLY A 70 19.01 -10.46 -1.75
C GLY A 70 17.94 -11.32 -2.37
N ASP A 71 18.00 -12.63 -2.15
CA ASP A 71 17.01 -13.55 -2.72
C ASP A 71 15.61 -13.22 -2.26
N SER A 72 14.74 -12.93 -3.23
CA SER A 72 13.38 -12.50 -2.96
C SER A 72 12.37 -13.32 -3.78
N ALA A 73 11.28 -13.78 -3.17
CA ALA A 73 10.16 -14.34 -3.95
C ALA A 73 8.98 -13.40 -3.86
N THR A 74 8.28 -13.22 -4.97
CA THR A 74 7.11 -12.35 -5.00
C THR A 74 5.89 -13.11 -5.48
N VAL A 75 4.74 -12.80 -4.88
CA VAL A 75 3.48 -13.39 -5.30
C VAL A 75 2.36 -12.37 -5.10
N SER A 76 1.29 -12.49 -5.89
CA SER A 76 0.29 -11.42 -6.01
C SER A 76 -1.01 -11.97 -6.54
N TYR A 77 -2.11 -11.44 -6.04
CA TYR A 77 -3.40 -11.94 -6.40
C TYR A 77 -4.44 -10.84 -6.36
N ASP A 78 -5.18 -10.68 -7.44
CA ASP A 78 -6.27 -9.70 -7.51
C ASP A 78 -7.44 -10.25 -6.70
N VAL A 79 -8.07 -9.39 -5.88
CA VAL A 79 -9.23 -9.78 -5.06
C VAL A 79 -9.84 -8.62 -4.26
N ASP A 80 -11.18 -8.57 -4.18
CA ASP A 80 -11.89 -7.56 -3.38
C ASP A 80 -12.04 -8.18 -2.01
N LEU A 81 -10.99 -8.08 -1.20
CA LEU A 81 -10.92 -8.79 0.07
C LEU A 81 -12.23 -8.75 0.88
N ASP A 82 -12.95 -7.63 0.85
CA ASP A 82 -14.20 -7.58 1.61
C ASP A 82 -15.08 -8.75 1.19
N ASN A 83 -15.61 -8.65 -0.24
CA ASN A 83 -16.54 -9.75 -0.43
C ASN A 83 -16.09 -10.92 0.40
N VAL A 84 -14.86 -11.34 0.39
CA VAL A 84 -14.60 -12.46 1.29
C VAL A 84 -14.46 -12.31 2.83
N LEU A 85 -14.15 -11.13 3.36
CA LEU A 85 -13.94 -10.87 4.78
C LEU A 85 -15.12 -10.17 5.43
N PRO A 86 -15.38 -10.49 6.70
CA PRO A 86 -16.41 -9.80 7.44
C PRO A 86 -15.88 -8.43 7.90
N GLU A 87 -16.79 -7.53 8.29
CA GLU A 87 -16.41 -6.16 8.65
C GLU A 87 -15.32 -6.22 9.75
N TRP A 88 -15.31 -7.30 10.52
CA TRP A 88 -14.37 -7.42 11.63
C TRP A 88 -13.64 -8.71 11.68
N VAL A 89 -12.31 -8.61 11.76
CA VAL A 89 -11.43 -9.78 11.79
C VAL A 89 -10.44 -9.68 12.94
N ARG A 90 -9.81 -10.79 13.23
CA ARG A 90 -8.58 -10.74 13.96
C ARG A 90 -7.55 -11.19 12.98
N VAL A 91 -6.32 -10.71 13.17
CA VAL A 91 -5.21 -11.10 12.32
C VAL A 91 -4.18 -11.79 13.18
N GLY A 92 -3.44 -12.73 12.59
CA GLY A 92 -2.52 -13.54 13.37
C GLY A 92 -1.46 -14.24 12.56
N LEU A 93 -0.49 -14.82 13.25
CA LEU A 93 0.54 -15.67 12.63
C LEU A 93 0.31 -17.15 12.95
N SER A 94 0.53 -18.01 11.97
CA SER A 94 0.36 -19.42 12.19
C SER A 94 1.49 -20.16 11.55
N ALA A 95 1.85 -21.29 12.16
CA ALA A 95 2.87 -22.17 11.64
C ALA A 95 2.52 -23.60 12.03
N SER A 96 3.22 -24.58 11.43
CA SER A 96 3.07 -25.99 11.82
C SER A 96 4.27 -26.85 11.45
N THR A 97 4.29 -28.03 12.05
CA THR A 97 5.13 -29.11 11.58
C THR A 97 4.26 -30.35 11.54
N GLY A 98 4.88 -31.44 11.13
CA GLY A 98 4.32 -32.77 11.25
C GLY A 98 5.38 -33.64 10.62
N LEU A 99 5.86 -34.66 11.55
CA LEU A 99 6.50 -35.76 10.88
C LEU A 99 7.86 -35.36 10.33
N TYR A 100 7.77 -34.18 9.55
CA TYR A 100 9.01 -33.60 9.03
C TYR A 100 8.98 -32.30 9.86
N LYS A 101 10.13 -31.71 10.16
CA LYS A 101 10.13 -30.67 11.21
C LYS A 101 10.97 -29.44 10.91
N GLU A 102 10.52 -28.30 11.43
CA GLU A 102 11.22 -27.03 11.26
C GLU A 102 10.83 -26.04 12.37
N THR A 103 11.83 -25.37 12.92
CA THR A 103 11.61 -24.27 13.85
C THR A 103 10.72 -23.25 13.18
N ASN A 104 9.69 -22.83 13.90
CA ASN A 104 8.84 -21.76 13.43
C ASN A 104 8.89 -20.68 14.49
N THR A 105 10.00 -19.93 14.46
CA THR A 105 10.20 -18.75 15.28
C THR A 105 9.88 -17.50 14.50
N ILE A 106 9.14 -16.61 15.17
CA ILE A 106 8.94 -15.24 14.72
C ILE A 106 9.81 -14.37 15.62
N LEU A 107 10.66 -13.56 14.98
CA LEU A 107 11.55 -12.66 15.70
C LEU A 107 10.88 -11.31 15.86
N SER A 108 10.13 -10.94 14.83
CA SER A 108 9.34 -9.75 14.88
C SER A 108 8.07 -9.90 14.06
N TRP A 109 7.06 -9.10 14.41
CA TRP A 109 5.85 -8.97 13.64
C TRP A 109 5.30 -7.59 13.93
N SER A 110 5.01 -6.87 12.86
CA SER A 110 4.31 -5.62 12.94
C SER A 110 3.16 -5.67 11.96
N PHE A 111 2.18 -4.82 12.18
CA PHE A 111 0.99 -4.82 11.36
C PHE A 111 0.34 -3.47 11.47
N THR A 112 -0.19 -3.03 10.34
CA THR A 112 -0.96 -1.79 10.26
C THR A 112 -2.19 -2.05 9.38
N SER A 113 -3.36 -1.61 9.84
CA SER A 113 -4.49 -1.48 8.95
C SER A 113 -5.03 -0.04 9.02
N LYS A 114 -5.54 0.45 7.90
CA LYS A 114 -6.09 1.82 7.78
C LYS A 114 -7.41 1.88 7.02
N LEU A 115 -8.38 2.55 7.61
CA LEU A 115 -9.66 2.79 6.97
C LEU A 115 -9.86 4.30 6.83
N LYS A 116 -10.06 4.78 5.60
CA LYS A 116 -10.26 6.22 5.32
C LYS A 116 -11.73 6.54 4.95
N GLU A 122 -7.50 11.19 8.61
CA GLU A 122 -6.90 9.87 8.87
C GLU A 122 -7.94 8.78 9.26
N THR A 123 -9.17 9.18 9.61
CA THR A 123 -10.25 8.24 9.93
C THR A 123 -9.71 7.13 10.88
N ASN A 124 -9.87 5.83 10.59
CA ASN A 124 -9.57 4.79 11.56
C ASN A 124 -8.38 3.86 11.32
N ALA A 125 -7.54 3.69 12.33
CA ALA A 125 -6.32 2.90 12.13
C ALA A 125 -5.86 2.15 13.36
N LEU A 126 -5.32 0.96 13.14
CA LEU A 126 -4.67 0.16 14.16
C LEU A 126 -3.29 -0.16 13.71
N HIS A 127 -2.31 0.10 14.58
CA HIS A 127 -0.93 -0.26 14.29
C HIS A 127 -0.30 -0.91 15.46
N PHE A 128 0.22 -2.11 15.26
CA PHE A 128 1.08 -2.69 16.27
C PHE A 128 2.37 -3.20 15.71
N VAL A 129 3.35 -3.33 16.61
CA VAL A 129 4.65 -3.88 16.28
C VAL A 129 5.21 -4.64 17.48
N PHE A 130 5.63 -5.87 17.22
CA PHE A 130 6.42 -6.63 18.16
C PHE A 130 7.82 -6.81 17.60
N ASN A 131 8.83 -6.23 18.27
CA ASN A 131 10.24 -6.50 17.94
C ASN A 131 10.88 -7.33 19.03
N GLN A 132 10.12 -7.57 20.10
CA GLN A 132 10.51 -8.57 21.08
C GLN A 132 9.25 -9.08 21.78
N PHE A 133 9.13 -10.41 21.82
CA PHE A 133 8.01 -11.03 22.51
C PHE A 133 8.41 -11.34 23.93
N SER A 134 7.45 -11.24 24.83
CA SER A 134 7.77 -11.35 26.23
C SER A 134 7.03 -12.47 26.92
N LYS A 135 7.46 -13.04 28.08
CA LYS A 135 6.66 -13.13 29.26
C LYS A 135 5.28 -13.67 29.18
N ASP A 136 4.33 -12.84 29.53
CA ASP A 136 3.01 -13.08 29.13
C ASP A 136 2.90 -11.93 28.22
N GLN A 137 2.82 -12.20 26.95
CA GLN A 137 2.35 -11.15 26.06
C GLN A 137 0.85 -11.17 26.24
N LYS A 138 0.36 -10.30 27.10
CA LYS A 138 -1.06 -10.26 27.36
C LYS A 138 -1.85 -9.39 26.38
N ASP A 139 -1.35 -9.27 25.14
CA ASP A 139 -2.15 -8.70 24.03
C ASP A 139 -2.06 -9.56 22.77
N LEU A 140 -1.44 -10.74 22.91
CA LEU A 140 -1.58 -11.85 21.94
C LEU A 140 -2.52 -12.91 22.49
N ILE A 141 -3.26 -13.56 21.61
CA ILE A 141 -4.06 -14.70 22.00
C ILE A 141 -3.33 -15.90 21.49
N LEU A 142 -2.49 -16.48 22.34
CA LEU A 142 -1.81 -17.70 21.94
C LEU A 142 -2.80 -18.88 21.66
N GLN A 143 -2.52 -19.70 20.64
CA GLN A 143 -3.27 -20.95 20.39
C GLN A 143 -2.32 -22.10 20.04
N GLY A 144 -2.67 -23.33 20.44
CA GLY A 144 -1.80 -24.49 20.20
C GLY A 144 -0.42 -24.41 20.86
N ASP A 145 0.62 -24.81 20.12
CA ASP A 145 1.99 -24.87 20.63
C ASP A 145 2.75 -23.53 20.68
N ALA A 146 2.08 -22.44 20.28
CA ALA A 146 2.72 -21.12 20.20
C ALA A 146 3.03 -20.55 21.57
N THR A 147 4.27 -20.11 21.76
CA THR A 147 4.76 -19.62 23.04
C THR A 147 5.81 -18.58 22.80
N THR A 148 5.80 -17.54 23.65
CA THR A 148 6.73 -16.41 23.52
C THR A 148 7.82 -16.47 24.56
N GLY A 149 8.93 -15.78 24.29
CA GLY A 149 10.04 -15.69 25.25
C GLY A 149 10.69 -17.04 25.59
N THR A 150 11.75 -17.01 26.41
CA THR A 150 12.27 -15.76 26.98
C THR A 150 13.49 -15.21 26.18
N ASP A 151 13.77 -15.79 25.02
CA ASP A 151 14.80 -15.25 24.11
C ASP A 151 14.30 -14.05 23.29
N GLY A 152 13.09 -13.58 23.61
CA GLY A 152 12.49 -12.41 22.99
C GLY A 152 11.65 -12.83 21.80
N ASN A 153 11.59 -14.14 21.59
CA ASN A 153 11.07 -14.66 20.33
C ASN A 153 9.78 -15.45 20.51
N LEU A 154 9.04 -15.61 19.41
CA LEU A 154 7.79 -16.33 19.44
C LEU A 154 7.94 -17.64 18.70
N GLU A 155 8.03 -18.72 19.46
CA GLU A 155 8.03 -20.04 18.91
C GLU A 155 6.58 -20.38 18.64
N LEU A 156 6.21 -20.36 17.35
CA LEU A 156 4.82 -20.66 16.96
C LEU A 156 4.57 -22.13 17.12
N THR A 157 5.59 -22.92 16.80
CA THR A 157 5.52 -24.35 16.95
C THR A 157 6.49 -24.80 18.03
N ARG A 158 6.18 -25.95 18.64
CA ARG A 158 6.96 -26.48 19.76
C ARG A 158 8.41 -26.83 19.43
N VAL A 159 9.29 -26.53 20.37
CA VAL A 159 10.72 -26.76 20.20
C VAL A 159 11.27 -27.29 21.51
N SER A 160 12.06 -28.36 21.43
CA SER A 160 12.73 -28.91 22.60
C SER A 160 13.73 -27.88 23.11
N SER A 161 13.95 -27.85 24.42
CA SER A 161 14.87 -26.90 25.03
C SER A 161 16.33 -27.03 24.52
N ASN A 162 16.57 -28.06 23.70
CA ASN A 162 17.81 -28.19 22.91
C ASN A 162 17.81 -27.23 21.72
N GLY A 163 16.62 -27.04 21.13
CA GLY A 163 16.47 -26.26 19.90
C GLY A 163 15.91 -27.15 18.79
N SER A 164 15.43 -28.34 19.21
CA SER A 164 14.90 -29.33 18.28
C SER A 164 13.42 -29.07 18.00
N PRO A 165 13.08 -28.76 16.72
CA PRO A 165 11.67 -28.61 16.30
C PRO A 165 10.92 -29.95 16.28
N GLN A 166 9.70 -29.90 16.90
CA GLN A 166 8.91 -31.12 17.11
C GLN A 166 7.95 -31.29 15.95
N GLY A 167 8.03 -32.46 15.32
CA GLY A 167 7.04 -32.86 14.34
C GLY A 167 5.63 -32.77 14.87
N SER A 168 4.69 -32.84 13.95
CA SER A 168 3.26 -32.76 14.25
C SER A 168 2.87 -31.70 15.28
N SER A 169 3.60 -30.59 15.28
CA SER A 169 3.26 -29.42 16.09
C SER A 169 2.45 -28.40 15.30
N VAL A 170 1.58 -27.69 16.00
CA VAL A 170 0.80 -26.61 15.39
C VAL A 170 0.85 -25.43 16.33
N GLY A 171 0.67 -24.20 15.81
CA GLY A 171 0.60 -23.04 16.70
C GLY A 171 0.06 -21.76 16.11
N ARG A 172 -0.48 -20.90 16.97
CA ARG A 172 -0.98 -19.60 16.54
C ARG A 172 -0.68 -18.44 17.50
N ALA A 173 -0.45 -17.26 16.90
CA ALA A 173 -0.41 -15.97 17.59
C ALA A 173 -1.42 -15.08 16.91
N LEU A 174 -2.33 -14.50 17.70
CA LEU A 174 -3.41 -13.65 17.19
C LEU A 174 -3.48 -12.35 17.97
N PHE A 175 -3.50 -11.22 17.26
CA PHE A 175 -3.59 -9.95 17.94
C PHE A 175 -4.91 -9.89 18.71
N TYR A 176 -4.79 -9.67 20.02
CA TYR A 176 -5.93 -9.58 20.93
C TYR A 176 -7.11 -8.75 20.43
N ALA A 177 -6.85 -7.53 20.01
CA ALA A 177 -7.93 -6.67 19.54
C ALA A 177 -8.40 -7.04 18.13
N PRO A 178 -9.72 -7.05 17.90
CA PRO A 178 -10.28 -7.24 16.58
C PRO A 178 -10.03 -6.03 15.65
N VAL A 179 -9.59 -6.33 14.44
CA VAL A 179 -9.15 -5.38 13.43
C VAL A 179 -10.33 -5.04 12.51
N HIS A 180 -10.71 -3.77 12.45
CA HIS A 180 -11.73 -3.28 11.49
C HIS A 180 -11.07 -3.25 10.17
N ILE A 181 -11.25 -4.31 9.40
CA ILE A 181 -10.46 -4.55 8.21
C ILE A 181 -11.08 -3.90 6.97
N TRP A 182 -12.40 -3.88 6.90
CA TRP A 182 -13.13 -3.19 5.82
C TRP A 182 -14.42 -2.62 6.32
N GLU A 183 -14.61 -1.33 6.11
CA GLU A 183 -15.94 -0.76 6.24
C GLU A 183 -16.44 -0.39 4.83
N SER A 184 -17.73 -0.63 4.57
CA SER A 184 -18.30 -0.49 3.22
C SER A 184 -18.13 0.90 2.62
N SER A 185 -18.49 1.91 3.42
CA SER A 185 -18.42 3.31 3.00
C SER A 185 -17.00 3.89 2.98
N ALA A 186 -16.01 3.14 3.51
CA ALA A 186 -14.62 3.58 3.52
C ALA A 186 -14.06 3.53 2.11
N VAL A 187 -13.63 4.68 1.61
CA VAL A 187 -13.12 4.76 0.26
C VAL A 187 -11.82 3.97 0.14
N VAL A 188 -11.07 3.92 1.24
CA VAL A 188 -9.84 3.14 1.31
C VAL A 188 -9.78 2.27 2.58
N ALA A 189 -9.38 1.02 2.38
CA ALA A 189 -9.28 0.02 3.43
C ALA A 189 -8.04 -0.81 3.10
N SER A 190 -6.92 -0.47 3.71
CA SER A 190 -5.67 -1.13 3.43
C SER A 190 -5.11 -1.77 4.65
N PHE A 191 -4.10 -2.59 4.43
CA PHE A 191 -3.34 -3.12 5.53
C PHE A 191 -2.02 -3.65 5.01
N ASP A 192 -1.04 -3.62 5.89
CA ASP A 192 0.23 -4.22 5.60
C ASP A 192 0.67 -4.95 6.86
N ALA A 193 1.54 -5.94 6.68
CA ALA A 193 2.01 -6.72 7.79
C ALA A 193 3.38 -7.21 7.43
N THR A 194 4.28 -7.04 8.42
CA THR A 194 5.65 -7.46 8.22
C THR A 194 6.06 -8.33 9.39
N PHE A 195 6.74 -9.65 9.12
CA PHE A 195 7.27 -10.50 10.16
C PHE A 195 8.57 -11.08 9.72
N THR A 196 9.47 -11.29 10.66
CA THR A 196 10.77 -11.87 10.32
C THR A 196 10.74 -13.26 10.89
N PHE A 197 11.37 -14.20 10.16
CA PHE A 197 11.29 -15.65 10.41
C PHE A 197 12.68 -16.29 10.65
N LEU A 198 12.73 -17.60 10.89
CA LEU A 198 14.00 -18.33 10.94
C LEU A 198 14.01 -19.60 10.08
N ILE A 199 13.19 -20.57 10.49
CA ILE A 199 13.14 -21.86 9.81
C ILE A 199 14.52 -22.55 9.62
N LYS A 200 14.96 -23.08 10.78
CA LYS A 200 16.11 -23.95 10.84
C LYS A 200 15.64 -25.38 11.01
N SER A 201 16.10 -26.26 10.13
CA SER A 201 15.65 -27.65 10.10
C SER A 201 16.81 -28.57 9.71
N SER A 202 17.27 -29.37 10.67
CA SER A 202 18.35 -30.33 10.42
C SER A 202 17.93 -31.45 9.43
N ASP A 203 16.64 -31.81 9.47
CA ASP A 203 16.01 -32.80 8.56
C ASP A 203 16.29 -32.60 7.07
N SER A 204 16.03 -33.66 6.29
CA SER A 204 16.12 -33.62 4.81
C SER A 204 15.47 -32.35 4.26
N HIS A 205 14.14 -32.31 4.34
CA HIS A 205 13.39 -31.11 4.05
C HIS A 205 12.75 -30.59 5.30
N PRO A 206 12.86 -29.28 5.52
CA PRO A 206 11.94 -28.58 6.39
C PRO A 206 10.45 -28.84 6.07
N ALA A 207 9.61 -28.68 7.09
CA ALA A 207 8.17 -28.72 6.96
C ALA A 207 7.65 -28.18 8.28
N ASP A 208 6.57 -27.42 8.26
CA ASP A 208 5.77 -27.22 7.06
C ASP A 208 5.74 -25.81 6.53
N GLY A 209 5.92 -24.84 7.42
CA GLY A 209 5.95 -23.45 7.05
C GLY A 209 5.35 -22.56 8.10
N ILE A 210 5.27 -21.28 7.73
CA ILE A 210 4.70 -20.24 8.55
C ILE A 210 3.68 -19.58 7.65
N ALA A 211 2.60 -19.07 8.23
CA ALA A 211 1.65 -18.29 7.47
C ALA A 211 1.10 -17.13 8.28
N PHE A 212 1.04 -15.97 7.63
CA PHE A 212 0.19 -14.89 8.11
C PHE A 212 -1.23 -15.22 7.65
N PHE A 213 -2.22 -14.89 8.48
CA PHE A 213 -3.59 -15.09 8.10
C PHE A 213 -4.50 -14.02 8.67
N ILE A 214 -5.63 -13.78 8.00
CA ILE A 214 -6.75 -12.96 8.48
C ILE A 214 -8.00 -13.84 8.59
N SER A 215 -8.57 -13.94 9.79
CA SER A 215 -9.77 -14.74 10.00
C SER A 215 -10.84 -14.01 10.80
N ASN A 216 -12.00 -14.64 10.97
CA ASN A 216 -13.05 -14.10 11.84
C ASN A 216 -12.61 -14.01 13.32
N ILE A 217 -13.30 -13.16 14.07
CA ILE A 217 -12.87 -12.76 15.41
C ILE A 217 -12.61 -13.94 16.36
N ASP A 218 -13.44 -14.97 16.28
CA ASP A 218 -13.28 -16.14 17.13
C ASP A 218 -12.65 -17.32 16.40
N SER A 219 -11.64 -17.06 15.58
CA SER A 219 -10.98 -18.17 14.89
C SER A 219 -10.14 -19.00 15.82
N SER A 220 -10.25 -20.32 15.69
CA SER A 220 -9.44 -21.23 16.48
C SER A 220 -8.78 -22.24 15.57
N ILE A 221 -7.72 -22.87 16.06
CA ILE A 221 -7.03 -23.86 15.26
C ILE A 221 -8.02 -24.96 14.90
N PRO A 222 -8.49 -24.97 13.63
CA PRO A 222 -9.45 -25.98 13.19
C PRO A 222 -8.89 -27.39 13.44
N SER A 223 -9.73 -28.29 13.96
CA SER A 223 -9.25 -29.59 14.47
C SER A 223 -8.42 -30.35 13.43
N GLY A 224 -7.22 -30.77 13.83
CA GLY A 224 -6.34 -31.62 13.02
C GLY A 224 -5.75 -30.97 11.77
N SER A 225 -5.41 -29.67 11.90
CA SER A 225 -4.75 -28.95 10.81
C SER A 225 -3.32 -28.78 11.21
N THR A 226 -2.56 -29.87 11.12
CA THR A 226 -1.13 -29.77 11.30
C THR A 226 -0.42 -30.04 9.96
N GLY A 227 0.90 -30.21 10.00
CA GLY A 227 1.67 -30.42 8.79
C GLY A 227 1.27 -29.41 7.71
N ARG A 228 0.74 -29.93 6.62
CA ARG A 228 0.52 -29.14 5.41
C ARG A 228 -0.76 -28.29 5.45
N LEU A 229 -1.54 -28.42 6.52
CA LEU A 229 -2.74 -27.61 6.67
C LEU A 229 -2.45 -26.31 7.41
N LEU A 230 -1.17 -26.12 7.72
CA LEU A 230 -0.64 -24.90 8.39
C LEU A 230 -1.57 -24.30 9.46
N GLY A 231 -2.27 -25.13 10.21
CA GLY A 231 -3.13 -24.60 11.25
C GLY A 231 -4.22 -23.67 10.83
N LEU A 232 -4.47 -23.59 9.53
CA LEU A 232 -5.47 -22.66 9.05
C LEU A 232 -6.74 -23.38 8.64
N PHE A 233 -6.61 -24.61 8.15
CA PHE A 233 -7.75 -25.27 7.47
C PHE A 233 -8.10 -26.67 7.99
N PRO A 234 -9.41 -27.05 7.93
CA PRO A 234 -9.83 -28.37 8.41
C PRO A 234 -9.41 -29.52 7.50
N ASP A 235 -9.93 -29.49 6.26
CA ASP A 235 -9.71 -30.53 5.23
C ASP A 235 -8.84 -29.96 4.11
N ALA A 236 -8.59 -30.74 3.05
CA ALA A 236 -7.75 -30.28 1.93
C ALA A 236 -8.53 -29.87 0.66
N ASN A 237 -9.68 -29.21 0.86
CA ASN A 237 -10.51 -28.82 -0.25
C ASN A 237 -9.99 -27.61 -0.99
N ALA B 1 13.42 17.34 -21.17
CA ALA B 1 12.10 17.03 -20.56
C ALA B 1 12.21 16.32 -19.18
N ASP B 2 11.30 16.67 -18.28
CA ASP B 2 11.22 16.07 -16.94
C ASP B 2 10.58 14.68 -17.01
N THR B 3 11.19 13.72 -16.30
CA THR B 3 10.50 12.48 -16.00
C THR B 3 9.31 12.87 -15.13
N ILE B 4 8.11 12.62 -15.62
CA ILE B 4 6.92 12.96 -14.88
C ILE B 4 6.04 11.72 -14.77
N VAL B 5 5.59 11.43 -13.56
CA VAL B 5 4.57 10.41 -13.32
C VAL B 5 3.50 11.07 -12.47
N ALA B 6 2.24 11.01 -12.91
CA ALA B 6 1.23 11.79 -12.20
C ALA B 6 -0.13 11.11 -12.02
N VAL B 7 -0.94 11.67 -11.12
CA VAL B 7 -2.36 11.31 -10.96
C VAL B 7 -3.22 12.57 -11.15
N GLU B 8 -3.97 12.61 -12.26
CA GLU B 8 -4.67 13.86 -12.64
C GLU B 8 -6.07 13.94 -12.07
N LEU B 9 -6.44 15.15 -11.59
CA LEU B 9 -7.83 15.49 -11.30
C LEU B 9 -8.35 16.47 -12.33
N ASP B 10 -8.41 15.94 -13.57
CA ASP B 10 -8.60 16.63 -14.84
C ASP B 10 -10.05 17.08 -14.87
N THR B 11 -10.28 18.37 -14.68
CA THR B 11 -11.65 18.87 -14.62
C THR B 11 -12.11 19.18 -16.02
N TYR B 12 -11.14 19.40 -16.91
CA TYR B 12 -11.46 19.80 -18.27
C TYR B 12 -11.09 18.76 -19.35
N PRO B 13 -12.15 18.39 -20.13
CA PRO B 13 -12.12 17.42 -21.24
C PRO B 13 -11.53 18.05 -22.51
N ASN B 14 -10.26 18.44 -22.41
CA ASN B 14 -9.43 18.84 -23.54
C ASN B 14 -9.45 17.61 -24.45
N THR B 15 -10.23 17.72 -25.55
CA THR B 15 -10.54 16.55 -26.34
C THR B 15 -9.66 16.45 -27.59
N ASP B 16 -9.29 17.58 -28.21
CA ASP B 16 -8.38 17.48 -29.37
C ASP B 16 -6.98 16.88 -28.96
N ILE B 17 -6.86 16.54 -27.65
CA ILE B 17 -5.62 15.99 -27.02
C ILE B 17 -5.68 14.64 -26.31
N GLY B 18 -6.87 14.05 -26.18
CA GLY B 18 -6.97 12.71 -25.60
C GLY B 18 -7.94 12.54 -24.44
N ASP B 19 -8.02 13.54 -23.56
CA ASP B 19 -8.96 13.52 -22.42
C ASP B 19 -10.33 12.94 -22.85
N PRO B 20 -10.90 12.02 -22.05
CA PRO B 20 -12.31 11.62 -22.21
C PRO B 20 -13.31 12.79 -22.08
N SER B 21 -14.49 12.65 -22.69
CA SER B 21 -15.46 13.75 -22.85
C SER B 21 -16.32 14.00 -21.61
N TYR B 22 -15.66 14.36 -20.50
CA TYR B 22 -16.28 14.59 -19.17
C TYR B 22 -15.12 14.85 -18.20
N PRO B 23 -15.40 15.22 -16.92
CA PRO B 23 -14.24 15.41 -16.04
C PRO B 23 -13.79 14.02 -15.54
N HIS B 24 -12.48 13.82 -15.44
CA HIS B 24 -11.92 12.48 -15.22
C HIS B 24 -10.75 12.50 -14.30
N ILE B 25 -10.40 11.33 -13.79
CA ILE B 25 -9.19 11.16 -13.03
C ILE B 25 -8.35 10.16 -13.76
N GLY B 26 -7.04 10.36 -13.74
CA GLY B 26 -6.16 9.46 -14.47
C GLY B 26 -4.73 9.45 -14.05
N ILE B 27 -4.02 8.44 -14.51
CA ILE B 27 -2.62 8.23 -14.22
C ILE B 27 -1.90 8.58 -15.52
N ASP B 28 -1.03 9.58 -15.46
CA ASP B 28 -0.27 9.99 -16.65
C ASP B 28 1.15 9.60 -16.44
N ILE B 29 1.69 8.87 -17.42
CA ILE B 29 3.10 8.53 -17.42
C ILE B 29 3.71 9.23 -18.62
N LYS B 30 4.64 10.13 -18.33
CA LYS B 30 5.41 10.88 -19.33
C LYS B 30 4.57 11.59 -20.41
N SER B 31 3.27 11.71 -20.18
CA SER B 31 2.37 12.28 -21.15
C SER B 31 1.09 12.74 -20.46
N VAL B 32 0.56 13.91 -20.83
CA VAL B 32 -0.74 14.36 -20.29
C VAL B 32 -1.89 13.52 -20.87
N ARG B 33 -1.51 12.44 -21.56
CA ARG B 33 -2.48 11.57 -22.19
C ARG B 33 -2.53 10.30 -21.35
N SER B 34 -3.37 10.34 -20.32
CA SER B 34 -3.45 9.27 -19.30
C SER B 34 -3.30 7.84 -19.85
N LYS B 35 -2.42 7.07 -19.22
CA LYS B 35 -2.32 5.66 -19.56
C LYS B 35 -3.63 4.95 -19.30
N LYS B 36 -4.41 5.47 -18.33
CA LYS B 36 -5.78 5.03 -18.05
C LYS B 36 -6.50 6.09 -17.25
N THR B 37 -7.76 6.35 -17.62
CA THR B 37 -8.60 7.36 -16.99
C THR B 37 -9.84 6.72 -16.36
N ALA B 38 -10.56 7.49 -15.53
CA ALA B 38 -11.87 7.08 -14.99
C ALA B 38 -12.85 8.28 -14.88
N LYS B 39 -14.13 8.06 -15.12
CA LYS B 39 -15.09 9.20 -15.02
C LYS B 39 -15.10 9.79 -13.60
N TRP B 40 -15.31 11.12 -13.50
CA TRP B 40 -15.28 11.78 -12.20
C TRP B 40 -16.29 12.89 -12.03
N ASN B 41 -17.25 12.62 -11.16
CA ASN B 41 -18.41 13.46 -10.92
C ASN B 41 -18.05 14.74 -10.14
N MET B 42 -17.08 15.47 -10.65
CA MET B 42 -16.57 16.69 -10.01
C MET B 42 -17.70 17.52 -9.41
N GLN B 43 -17.65 17.78 -8.10
CA GLN B 43 -18.64 18.66 -7.46
C GLN B 43 -18.06 20.04 -7.22
N ASN B 44 -18.70 21.05 -7.80
CA ASN B 44 -18.26 22.43 -7.69
C ASN B 44 -18.26 22.91 -6.24
N GLY B 45 -17.12 23.49 -5.82
CA GLY B 45 -16.98 24.08 -4.49
C GLY B 45 -17.18 23.20 -3.27
N LYS B 46 -17.20 21.87 -3.45
CA LYS B 46 -17.17 20.95 -2.29
C LYS B 46 -15.77 20.40 -2.05
N VAL B 47 -15.50 20.06 -0.79
CA VAL B 47 -14.16 19.68 -0.36
C VAL B 47 -13.87 18.19 -0.59
N GLY B 48 -12.95 17.91 -1.52
CA GLY B 48 -12.66 16.54 -1.94
C GLY B 48 -11.40 15.97 -1.35
N THR B 49 -11.24 14.66 -1.52
CA THR B 49 -10.11 13.90 -0.97
C THR B 49 -9.47 13.00 -2.03
N ALA B 50 -8.18 13.19 -2.26
CA ALA B 50 -7.42 12.31 -3.14
C ALA B 50 -6.49 11.40 -2.36
N HIS B 51 -6.41 10.15 -2.80
CA HIS B 51 -5.42 9.24 -2.28
C HIS B 51 -4.71 8.68 -3.45
N ILE B 52 -3.38 8.69 -3.41
CA ILE B 52 -2.59 7.96 -4.38
C ILE B 52 -1.87 6.88 -3.60
N ILE B 53 -1.86 5.65 -4.11
CA ILE B 53 -1.11 4.56 -3.46
C ILE B 53 -0.33 3.74 -4.46
N TYR B 54 0.87 3.31 -4.05
CA TYR B 54 1.69 2.42 -4.85
C TYR B 54 2.53 1.49 -4.02
N ASN B 55 2.70 0.26 -4.50
CA ASN B 55 3.58 -0.69 -3.83
C ASN B 55 4.45 -1.38 -4.85
N SER B 56 5.77 -1.36 -4.65
CA SER B 56 6.67 -1.97 -5.63
C SER B 56 6.39 -3.46 -5.86
N VAL B 57 5.53 -4.06 -5.03
CA VAL B 57 5.30 -5.49 -5.08
C VAL B 57 4.24 -5.81 -6.14
N GLY B 58 3.00 -5.43 -5.83
CA GLY B 58 1.90 -5.69 -6.74
C GLY B 58 2.00 -4.88 -8.01
N LYS B 59 2.94 -3.94 -8.02
CA LYS B 59 3.19 -3.04 -9.16
C LYS B 59 1.98 -2.25 -9.60
N ARG B 60 1.11 -1.89 -8.66
CA ARG B 60 -0.08 -1.21 -9.08
C ARG B 60 -0.20 0.17 -8.47
N LEU B 61 -0.08 1.19 -9.32
CA LEU B 61 -0.32 2.56 -8.90
C LEU B 61 -1.81 2.76 -8.95
N SER B 62 -2.40 3.20 -7.83
CA SER B 62 -3.85 3.37 -7.74
C SER B 62 -4.25 4.68 -7.10
N ALA B 63 -5.38 5.22 -7.55
CA ALA B 63 -5.92 6.47 -7.06
C ALA B 63 -7.44 6.45 -6.76
N VAL B 64 -7.83 7.22 -5.75
CA VAL B 64 -9.22 7.43 -5.41
C VAL B 64 -9.45 8.92 -5.19
N VAL B 65 -10.51 9.43 -5.83
CA VAL B 65 -11.01 10.78 -5.60
C VAL B 65 -12.36 10.67 -4.88
N SER B 66 -12.56 11.44 -3.81
CA SER B 66 -13.80 11.33 -3.05
C SER B 66 -14.33 12.62 -2.54
N TYR B 67 -15.65 12.66 -2.41
CA TYR B 67 -16.38 13.76 -1.82
C TYR B 67 -17.19 13.26 -0.62
N PRO B 68 -17.49 14.15 0.36
CA PRO B 68 -18.18 13.79 1.61
C PRO B 68 -19.60 13.22 1.47
N ASN B 69 -20.14 13.15 0.26
CA ASN B 69 -21.49 12.60 0.09
C ASN B 69 -21.50 11.09 -0.15
N GLY B 70 -20.38 10.59 -0.69
CA GLY B 70 -20.26 9.19 -1.03
C GLY B 70 -19.79 8.99 -2.46
N ASP B 71 -19.89 10.05 -3.26
CA ASP B 71 -19.45 10.09 -4.66
C ASP B 71 -17.94 9.93 -4.79
N SER B 72 -17.51 8.82 -5.36
CA SER B 72 -16.14 8.36 -5.25
C SER B 72 -15.63 7.78 -6.59
N ALA B 73 -14.51 8.28 -7.11
CA ALA B 73 -13.95 7.77 -8.37
C ALA B 73 -12.58 7.07 -8.22
N THR B 74 -12.42 5.89 -8.83
CA THR B 74 -11.20 5.08 -8.75
C THR B 74 -10.50 4.87 -10.10
N VAL B 75 -9.18 4.76 -10.07
CA VAL B 75 -8.45 4.34 -11.25
C VAL B 75 -7.27 3.52 -10.79
N SER B 76 -6.85 2.52 -11.59
CA SER B 76 -5.62 1.75 -11.32
C SER B 76 -4.80 1.46 -12.57
N TYR B 77 -3.49 1.28 -12.40
CA TYR B 77 -2.58 1.02 -13.51
C TYR B 77 -1.31 0.32 -13.06
N ASP B 78 -0.99 -0.78 -13.73
CA ASP B 78 0.16 -1.61 -13.43
C ASP B 78 1.42 -1.04 -14.04
N VAL B 79 2.43 -0.79 -13.21
CA VAL B 79 3.69 -0.20 -13.68
C VAL B 79 4.86 -0.37 -12.69
N ASP B 80 6.00 -0.89 -13.16
CA ASP B 80 7.23 -0.85 -12.35
C ASP B 80 7.75 0.59 -12.38
N LEU B 81 7.68 1.29 -11.26
CA LEU B 81 8.23 2.65 -11.20
C LEU B 81 9.78 2.67 -11.09
N ASP B 82 10.41 1.48 -10.94
CA ASP B 82 11.86 1.28 -11.08
C ASP B 82 12.24 1.84 -12.42
N ASN B 83 11.42 1.47 -13.41
CA ASN B 83 11.78 1.58 -14.80
C ASN B 83 11.57 2.99 -15.33
N VAL B 84 10.60 3.70 -14.78
CA VAL B 84 10.29 5.03 -15.32
C VAL B 84 11.19 6.13 -14.78
N LEU B 85 11.33 6.20 -13.44
CA LEU B 85 12.10 7.29 -12.85
C LEU B 85 13.36 6.83 -12.10
N PRO B 86 14.23 7.79 -11.73
CA PRO B 86 15.52 7.62 -11.03
C PRO B 86 15.40 7.20 -9.56
N GLU B 87 16.54 6.80 -8.96
CA GLU B 87 16.66 6.58 -7.49
C GLU B 87 15.98 7.74 -6.70
N TRP B 88 16.25 8.99 -7.13
CA TRP B 88 15.83 10.19 -6.41
C TRP B 88 14.88 11.06 -7.18
N VAL B 89 13.78 11.42 -6.53
CA VAL B 89 12.79 12.31 -7.14
C VAL B 89 12.44 13.46 -6.22
N ARG B 90 11.54 14.31 -6.71
CA ARG B 90 10.80 15.22 -5.84
C ARG B 90 9.33 14.97 -6.12
N VAL B 91 8.51 15.12 -5.10
CA VAL B 91 7.10 14.91 -5.26
C VAL B 91 6.46 16.29 -5.13
N GLY B 92 5.21 16.42 -5.60
CA GLY B 92 4.58 17.73 -5.53
C GLY B 92 3.13 17.76 -5.92
N LEU B 93 2.53 18.92 -5.74
CA LEU B 93 1.18 19.16 -6.23
C LEU B 93 1.26 20.19 -7.34
N SER B 94 0.37 20.05 -8.31
CA SER B 94 0.35 20.96 -9.41
C SER B 94 -1.07 21.32 -9.68
N ALA B 95 -1.27 22.46 -10.32
CA ALA B 95 -2.58 22.82 -10.82
C ALA B 95 -2.49 23.86 -11.93
N SER B 96 -3.63 24.16 -12.56
CA SER B 96 -3.68 25.20 -13.60
C SER B 96 -5.08 25.63 -14.04
N THR B 97 -5.11 26.77 -14.73
CA THR B 97 -6.28 27.28 -15.43
C THR B 97 -5.88 27.73 -16.85
N GLY B 98 -6.86 28.22 -17.63
CA GLY B 98 -6.54 28.72 -18.98
C GLY B 98 -7.43 29.91 -19.22
N LEU B 99 -8.27 29.80 -20.23
CA LEU B 99 -9.32 30.80 -20.33
C LEU B 99 -10.49 30.42 -19.42
N TYR B 100 -10.65 29.11 -19.24
CA TYR B 100 -11.46 28.60 -18.11
C TYR B 100 -10.61 28.64 -16.84
N LYS B 101 -11.31 28.61 -15.71
CA LYS B 101 -10.69 28.94 -14.43
C LYS B 101 -11.42 28.22 -13.31
N GLU B 102 -10.68 27.96 -12.23
CA GLU B 102 -11.23 27.37 -11.02
C GLU B 102 -10.25 27.62 -9.87
N THR B 103 -10.73 27.45 -8.63
CA THR B 103 -9.82 27.52 -7.50
C THR B 103 -9.07 26.20 -7.42
N ASN B 104 -7.79 26.28 -7.09
CA ASN B 104 -6.97 25.10 -6.94
C ASN B 104 -6.41 25.06 -5.52
N THR B 105 -7.33 24.97 -4.58
CA THR B 105 -7.02 25.11 -3.16
C THR B 105 -6.78 23.76 -2.49
N ILE B 106 -5.61 23.65 -1.87
CA ILE B 106 -5.18 22.46 -1.14
C ILE B 106 -5.30 22.68 0.37
N LEU B 107 -6.22 21.97 1.00
CA LEU B 107 -6.44 22.14 2.42
C LEU B 107 -5.34 21.45 3.23
N SER B 108 -5.18 20.16 2.95
CA SER B 108 -4.14 19.37 3.56
C SER B 108 -3.42 18.55 2.50
N TRP B 109 -2.21 18.09 2.83
CA TRP B 109 -1.47 17.21 1.96
C TRP B 109 -0.41 16.49 2.73
N SER B 110 -0.47 15.17 2.69
CA SER B 110 0.43 14.28 3.43
C SER B 110 1.03 13.30 2.48
N PHE B 111 2.24 12.84 2.80
CA PHE B 111 2.96 11.92 1.92
C PHE B 111 3.89 11.01 2.70
N THR B 112 3.82 9.71 2.40
CA THR B 112 4.75 8.72 2.96
C THR B 112 5.32 7.87 1.84
N SER B 113 6.65 7.67 1.84
CA SER B 113 7.33 6.60 1.11
C SER B 113 8.29 5.84 2.03
N LYS B 114 8.38 4.52 1.84
CA LYS B 114 9.20 3.64 2.70
C LYS B 114 9.94 2.62 1.89
N LEU B 115 11.24 2.53 2.12
CA LEU B 115 12.09 1.62 1.38
C LEU B 115 12.57 0.46 2.24
N LYS B 116 12.41 -0.79 1.76
CA LYS B 116 13.06 -2.00 2.36
C LYS B 116 12.11 -3.05 2.91
N GLU B 122 17.55 -1.26 7.84
CA GLU B 122 16.64 -2.29 7.24
C GLU B 122 15.34 -1.66 6.70
N THR B 123 15.09 -0.38 7.06
CA THR B 123 13.97 0.43 6.52
C THR B 123 14.43 1.90 6.38
N ASN B 124 13.95 2.58 5.32
CA ASN B 124 14.27 4.00 5.06
C ASN B 124 12.95 4.67 4.74
N ALA B 125 12.74 5.89 5.27
CA ALA B 125 11.38 6.39 5.32
C ALA B 125 11.23 7.85 5.51
N LEU B 126 10.51 8.48 4.59
CA LEU B 126 10.13 9.86 4.68
C LEU B 126 8.64 9.94 4.78
N HIS B 127 8.17 10.64 5.80
CA HIS B 127 6.77 10.95 5.94
C HIS B 127 6.62 12.40 6.21
N PHE B 128 5.77 13.07 5.46
CA PHE B 128 5.44 14.42 5.85
C PHE B 128 3.97 14.67 5.71
N VAL B 129 3.49 15.66 6.46
CA VAL B 129 2.07 16.05 6.41
C VAL B 129 1.86 17.54 6.70
N PHE B 130 1.07 18.17 5.84
CA PHE B 130 0.60 19.55 6.03
C PHE B 130 -0.91 19.54 6.16
N ASN B 131 -1.43 19.89 7.35
CA ASN B 131 -2.83 20.19 7.52
C ASN B 131 -3.00 21.69 7.55
N GLN B 132 -1.91 22.39 7.88
CA GLN B 132 -1.91 23.86 7.82
C GLN B 132 -0.65 24.49 7.23
N PHE B 133 -0.78 25.01 6.01
CA PHE B 133 0.34 25.70 5.37
C PHE B 133 0.54 27.08 5.95
N SER B 134 1.76 27.33 6.40
CA SER B 134 2.15 28.62 6.98
C SER B 134 2.58 29.58 5.87
N LYS B 135 2.37 30.88 6.09
CA LYS B 135 2.66 31.86 5.03
C LYS B 135 4.14 31.85 4.60
N ASP B 136 5.07 31.63 5.53
CA ASP B 136 6.46 31.38 5.13
C ASP B 136 6.85 29.89 5.18
N GLN B 137 6.40 29.17 4.14
CA GLN B 137 6.43 27.71 4.10
C GLN B 137 7.81 27.21 3.68
N LYS B 138 8.76 27.38 4.60
CA LYS B 138 10.18 27.18 4.33
C LYS B 138 10.62 25.75 3.93
N ASP B 139 9.70 24.80 3.77
CA ASP B 139 10.06 23.43 3.28
C ASP B 139 9.25 22.96 2.06
N LEU B 140 8.41 23.85 1.55
CA LEU B 140 7.87 23.66 0.21
C LEU B 140 8.70 24.48 -0.79
N ILE B 141 8.79 23.98 -2.02
CA ILE B 141 9.45 24.70 -3.09
C ILE B 141 8.34 25.14 -4.01
N LEU B 142 7.77 26.30 -3.71
CA LEU B 142 6.65 26.79 -4.50
C LEU B 142 7.15 27.24 -5.85
N GLN B 143 6.33 27.04 -6.86
CA GLN B 143 6.72 27.37 -8.22
C GLN B 143 5.55 28.05 -8.91
N GLY B 144 5.87 29.03 -9.76
CA GLY B 144 4.86 29.75 -10.52
C GLY B 144 3.89 30.45 -9.61
N ASP B 145 2.61 30.45 -9.97
CA ASP B 145 1.55 31.16 -9.24
C ASP B 145 1.22 30.57 -7.88
N ALA B 146 2.10 29.73 -7.33
CA ALA B 146 1.88 29.13 -6.02
C ALA B 146 2.18 30.06 -4.84
N THR B 147 1.24 30.12 -3.89
CA THR B 147 1.37 30.86 -2.61
C THR B 147 0.53 30.15 -1.54
N THR B 148 0.97 30.26 -0.27
CA THR B 148 0.30 29.61 0.87
C THR B 148 -0.25 30.60 1.88
N GLY B 149 -0.98 30.04 2.82
CA GLY B 149 -1.37 30.72 4.03
C GLY B 149 -2.01 31.95 3.51
N THR B 150 -2.45 32.85 4.38
CA THR B 150 -2.57 32.61 5.81
C THR B 150 -3.86 31.83 6.06
N ASP B 151 -4.76 31.88 5.09
CA ASP B 151 -5.91 31.02 5.03
C ASP B 151 -4.99 29.85 4.99
N GLY B 152 -5.18 28.94 5.94
CA GLY B 152 -4.20 27.94 6.30
C GLY B 152 -4.21 26.98 5.16
N ASN B 153 -3.98 27.52 3.98
CA ASN B 153 -4.20 26.72 2.80
C ASN B 153 -3.10 26.94 1.74
N LEU B 154 -2.99 26.00 0.79
CA LEU B 154 -2.10 26.16 -0.36
C LEU B 154 -2.91 26.54 -1.58
N GLU B 155 -2.63 27.73 -2.13
CA GLU B 155 -3.28 28.17 -3.35
C GLU B 155 -2.35 27.81 -4.46
N LEU B 156 -2.73 26.81 -5.26
CA LEU B 156 -1.83 26.36 -6.33
C LEU B 156 -1.91 27.27 -7.54
N THR B 157 -3.09 27.84 -7.78
CA THR B 157 -3.22 28.86 -8.81
C THR B 157 -3.84 30.14 -8.27
N ARG B 158 -3.62 31.21 -9.02
CA ARG B 158 -3.92 32.57 -8.62
C ARG B 158 -5.38 32.83 -8.25
N VAL B 159 -5.54 33.47 -7.11
CA VAL B 159 -6.82 33.80 -6.57
C VAL B 159 -6.77 35.28 -6.24
N SER B 160 -7.62 36.04 -6.91
CA SER B 160 -7.82 37.44 -6.59
C SER B 160 -8.25 37.53 -5.13
N SER B 161 -7.81 38.58 -4.43
CA SER B 161 -8.15 38.84 -3.02
C SER B 161 -9.61 38.56 -2.63
N ASN B 162 -10.53 38.78 -3.57
CA ASN B 162 -11.86 38.16 -3.51
C ASN B 162 -11.70 36.78 -4.17
N GLY B 163 -12.15 35.73 -3.41
CA GLY B 163 -12.00 34.33 -3.91
C GLY B 163 -12.53 34.38 -5.34
N SER B 164 -11.56 34.32 -6.27
CA SER B 164 -11.82 34.50 -7.69
C SER B 164 -10.58 34.00 -8.40
N PRO B 165 -10.72 32.85 -9.07
CA PRO B 165 -9.64 32.21 -9.82
C PRO B 165 -9.26 33.05 -11.02
N GLN B 166 -7.98 33.01 -11.37
CA GLN B 166 -7.52 33.72 -12.54
C GLN B 166 -7.42 32.77 -13.72
N GLY B 167 -7.37 33.34 -14.93
CA GLY B 167 -7.12 32.56 -16.13
C GLY B 167 -5.65 32.36 -16.31
N SER B 168 -5.30 31.54 -17.29
CA SER B 168 -3.90 31.21 -17.63
C SER B 168 -2.90 31.21 -16.43
N SER B 169 -3.23 30.43 -15.38
CA SER B 169 -2.41 30.38 -14.16
C SER B 169 -1.79 29.01 -13.87
N VAL B 170 -0.49 28.97 -13.58
CA VAL B 170 0.17 27.70 -13.21
C VAL B 170 0.92 27.79 -11.89
N GLY B 171 0.67 26.84 -10.99
CA GLY B 171 1.37 26.76 -9.71
C GLY B 171 1.78 25.34 -9.30
N ARG B 172 2.91 25.26 -8.59
CA ARG B 172 3.45 23.99 -8.19
C ARG B 172 3.95 24.01 -6.76
N ALA B 173 3.71 22.92 -6.05
CA ALA B 173 4.25 22.74 -4.71
C ALA B 173 5.01 21.42 -4.65
N LEU B 174 6.31 21.52 -4.43
CA LEU B 174 7.14 20.33 -4.25
C LEU B 174 7.63 20.31 -2.83
N PHE B 175 7.65 19.13 -2.21
CA PHE B 175 8.38 18.98 -0.96
C PHE B 175 9.89 19.24 -1.15
N TYR B 176 10.44 20.04 -0.25
CA TYR B 176 11.83 20.46 -0.29
C TYR B 176 12.82 19.31 -0.45
N ALA B 177 12.81 18.36 0.46
CA ALA B 177 13.72 17.24 0.34
C ALA B 177 13.40 16.37 -0.89
N PRO B 178 14.46 15.84 -1.56
CA PRO B 178 14.23 14.74 -2.50
C PRO B 178 13.96 13.40 -1.79
N VAL B 179 12.92 12.72 -2.28
CA VAL B 179 12.51 11.40 -1.80
C VAL B 179 13.32 10.29 -2.48
N HIS B 180 13.94 9.39 -1.70
CA HIS B 180 14.47 8.13 -2.25
C HIS B 180 13.30 7.24 -2.50
N ILE B 181 12.88 7.20 -3.76
CA ILE B 181 11.62 6.59 -4.12
C ILE B 181 11.81 5.10 -4.37
N TRP B 182 13.03 4.74 -4.76
CA TRP B 182 13.39 3.35 -4.94
C TRP B 182 14.90 3.16 -4.90
N GLU B 183 15.35 2.08 -4.25
CA GLU B 183 16.71 1.56 -4.47
C GLU B 183 16.52 0.13 -4.93
N SER B 184 17.48 -0.40 -5.69
CA SER B 184 17.32 -1.73 -6.30
C SER B 184 17.42 -2.90 -5.31
N SER B 185 18.18 -2.70 -4.23
CA SER B 185 18.22 -3.68 -3.13
C SER B 185 16.89 -3.77 -2.38
N ALA B 186 16.09 -2.70 -2.53
CA ALA B 186 14.84 -2.56 -1.79
C ALA B 186 13.78 -3.56 -2.19
N VAL B 187 13.56 -4.50 -1.27
CA VAL B 187 12.49 -5.49 -1.35
C VAL B 187 11.11 -4.79 -1.47
N VAL B 188 10.89 -3.73 -0.70
CA VAL B 188 9.68 -2.91 -0.84
C VAL B 188 9.99 -1.43 -1.10
N ALA B 189 9.36 -0.87 -2.15
CA ALA B 189 9.52 0.53 -2.52
C ALA B 189 8.13 1.11 -2.72
N SER B 190 7.55 1.61 -1.64
CA SER B 190 6.14 1.96 -1.63
C SER B 190 5.98 3.37 -1.19
N PHE B 191 4.94 4.00 -1.72
CA PHE B 191 4.54 5.32 -1.28
C PHE B 191 3.06 5.52 -1.38
N ASP B 192 2.60 6.56 -0.72
CA ASP B 192 1.26 7.02 -0.94
C ASP B 192 1.25 8.50 -0.64
N ALA B 193 0.28 9.19 -1.24
CA ALA B 193 0.02 10.56 -0.91
C ALA B 193 -1.46 10.71 -0.83
N THR B 194 -1.88 11.71 -0.09
CA THR B 194 -3.28 12.07 0.03
C THR B 194 -3.27 13.57 0.06
N PHE B 195 -4.16 14.19 -0.71
CA PHE B 195 -4.53 15.60 -0.48
C PHE B 195 -6.04 15.83 -0.31
N THR B 196 -6.42 16.94 0.30
CA THR B 196 -7.83 17.33 0.33
C THR B 196 -7.90 18.73 -0.24
N PHE B 197 -8.84 18.93 -1.15
CA PHE B 197 -8.82 20.10 -2.03
C PHE B 197 -10.18 20.75 -2.09
N LEU B 198 -10.22 21.95 -2.71
CA LEU B 198 -11.48 22.64 -2.99
C LEU B 198 -11.45 23.38 -4.31
N ILE B 199 -12.22 22.88 -5.27
CA ILE B 199 -12.27 23.46 -6.59
C ILE B 199 -13.66 23.98 -6.86
N LYS B 200 -13.75 25.30 -6.92
CA LYS B 200 -14.99 25.96 -7.25
C LYS B 200 -14.77 26.70 -8.56
N SER B 201 -15.87 26.99 -9.27
CA SER B 201 -15.82 27.83 -10.47
C SER B 201 -17.13 28.52 -10.78
N SER B 202 -17.04 29.77 -11.28
CA SER B 202 -18.23 30.52 -11.70
C SER B 202 -18.33 30.76 -13.21
N ASP B 203 -17.37 30.19 -13.98
CA ASP B 203 -17.58 30.09 -15.44
C ASP B 203 -18.40 28.81 -15.63
N SER B 204 -18.96 28.72 -16.87
CA SER B 204 -19.71 27.53 -17.29
C SER B 204 -19.12 26.21 -16.72
N HIS B 205 -17.83 25.97 -16.99
CA HIS B 205 -17.12 24.85 -16.37
C HIS B 205 -15.85 25.30 -15.72
N PRO B 206 -15.55 24.69 -14.57
CA PRO B 206 -14.21 24.72 -13.97
C PRO B 206 -13.12 24.23 -14.96
N ALA B 207 -11.88 24.62 -14.68
CA ALA B 207 -10.71 24.17 -15.45
C ALA B 207 -9.43 24.65 -14.78
N ASP B 208 -8.33 23.90 -14.87
CA ASP B 208 -8.25 22.66 -15.64
C ASP B 208 -8.12 21.40 -14.78
N GLY B 209 -7.44 21.53 -13.64
CA GLY B 209 -7.36 20.44 -12.67
C GLY B 209 -6.20 20.56 -11.69
N ILE B 210 -6.20 19.64 -10.74
CA ILE B 210 -5.09 19.50 -9.80
C ILE B 210 -4.42 18.16 -10.07
N ALA B 211 -3.15 18.06 -9.73
CA ALA B 211 -2.43 16.81 -9.89
C ALA B 211 -1.34 16.54 -8.85
N PHE B 212 -1.21 15.27 -8.45
CA PHE B 212 -0.04 14.81 -7.70
C PHE B 212 0.97 14.23 -8.66
N PHE B 213 2.20 14.71 -8.59
CA PHE B 213 3.22 14.28 -9.53
C PHE B 213 4.54 13.90 -8.91
N ILE B 214 5.27 13.04 -9.62
CA ILE B 214 6.64 12.67 -9.29
C ILE B 214 7.55 12.93 -10.50
N SER B 215 8.55 13.80 -10.28
CA SER B 215 9.54 14.14 -11.29
C SER B 215 10.95 14.10 -10.69
N ASN B 216 11.95 14.33 -11.55
CA ASN B 216 13.35 14.40 -11.17
C ASN B 216 13.63 15.58 -10.24
N ILE B 217 14.76 15.49 -9.56
CA ILE B 217 15.04 16.32 -8.37
C ILE B 217 15.10 17.84 -8.57
N ASP B 218 15.27 18.32 -9.80
CA ASP B 218 15.30 19.79 -10.07
C ASP B 218 14.16 20.31 -10.99
N SER B 219 12.99 19.66 -10.90
CA SER B 219 11.89 19.85 -11.84
C SER B 219 11.33 21.27 -11.83
N SER B 220 11.47 21.95 -12.96
CA SER B 220 10.93 23.29 -13.13
C SER B 220 9.67 23.22 -13.98
N ILE B 221 8.75 24.17 -13.81
CA ILE B 221 7.51 24.12 -14.58
C ILE B 221 7.81 24.23 -16.08
N PRO B 222 7.74 23.09 -16.80
CA PRO B 222 8.05 23.12 -18.22
C PRO B 222 7.29 24.25 -18.89
N SER B 223 7.97 24.95 -19.81
CA SER B 223 7.46 26.21 -20.33
C SER B 223 6.12 26.06 -21.06
N GLY B 224 5.25 27.05 -20.85
CA GLY B 224 3.97 27.15 -21.55
C GLY B 224 3.09 25.93 -21.31
N SER B 225 2.87 25.62 -20.04
CA SER B 225 2.05 24.46 -19.67
C SER B 225 0.92 24.89 -18.76
N THR B 226 0.22 25.95 -19.16
CA THR B 226 -0.98 26.33 -18.44
C THR B 226 -2.14 25.51 -18.98
N GLY B 227 -3.36 25.87 -18.56
CA GLY B 227 -4.57 25.21 -19.02
C GLY B 227 -4.42 23.70 -18.92
N ARG B 228 -4.57 23.05 -20.07
CA ARG B 228 -4.74 21.59 -20.10
C ARG B 228 -3.52 20.72 -19.84
N LEU B 229 -2.34 21.34 -19.73
CA LEU B 229 -1.13 20.55 -19.50
C LEU B 229 -0.78 20.47 -18.03
N LEU B 230 -1.62 21.16 -17.24
CA LEU B 230 -1.58 21.14 -15.77
C LEU B 230 -0.18 21.31 -15.16
N GLY B 231 0.65 22.09 -15.86
CA GLY B 231 2.03 22.35 -15.48
C GLY B 231 2.96 21.16 -15.37
N LEU B 232 2.64 20.06 -16.08
CA LEU B 232 3.50 18.87 -15.93
C LEU B 232 4.31 18.52 -17.16
N PHE B 233 3.78 18.89 -18.32
CA PHE B 233 4.33 18.47 -19.60
C PHE B 233 4.56 19.66 -20.54
N PRO B 234 5.70 19.65 -21.31
CA PRO B 234 5.96 20.74 -22.24
C PRO B 234 4.85 20.93 -23.25
N ASP B 235 4.52 19.89 -24.02
CA ASP B 235 3.52 19.99 -25.10
C ASP B 235 2.48 18.86 -24.95
N ALA B 236 1.83 18.47 -26.05
CA ALA B 236 0.76 17.44 -25.99
C ALA B 236 1.02 16.03 -26.56
N ASN B 237 2.26 15.56 -26.42
CA ASN B 237 2.58 14.17 -26.80
C ASN B 237 2.21 13.20 -25.70
#